data_9GPM
#
_entry.id   9GPM
#
_cell.length_a   49.078
_cell.length_b   49.078
_cell.length_c   194.169
_cell.angle_alpha   90
_cell.angle_beta   90
_cell.angle_gamma   120
#
_symmetry.space_group_name_H-M   'P 32 2 1'
#
loop_
_entity.id
_entity.type
_entity.pdbx_description
1 polymer 'Peptidyl-prolyl cis-trans isomerase FKBP5'
2 non-polymer 3-cyclohexyl-17,18-dimethoxy-11,15-dioxa-1,18lambda4-dithia-5-aza-17lambda4-polonapentacyclo[15.4.0.04,9.013,18.018,23]henicosane-2,12-dione
3 water water
#
_entity_poly.entity_id   1
_entity_poly.type   'polypeptide(L)'
_entity_poly.pdbx_seq_one_letter_code
;GAPATVTEQGEDITSKKDRGVLKIVKRVGNGEETPMIGDKVYVHYKGKLSNGKKFDSSHDRNEPFVFSLGKGQVIKAWDI
GVATMKKGEIAHLLIKPEYAYGSAGSLPKIPSNATLFFEIELLDFKGE
;
_entity_poly.pdbx_strand_id   A,B
#
loop_
_chem_comp.id
_chem_comp.type
_chem_comp.name
_chem_comp.formula
A1INM non-polymer 3-cyclohexyl-17,18-dimethoxy-11,15-dioxa-1,18lambda4-dithia-5-aza-17lambda4-polonapentacyclo[15.4.0.04,9.013,18.018,23]henicosane-2,12-dione 'C29 H40 N4 O6'
#
# COMPACT_ATOMS: atom_id res chain seq x y z
N GLY A 1 29.92 -8.76 6.64
CA GLY A 1 28.87 -8.52 7.65
C GLY A 1 27.61 -9.30 7.35
N ALA A 2 26.57 -9.02 8.14
CA ALA A 2 25.32 -9.75 8.05
C ALA A 2 24.75 -9.65 6.64
N PRO A 3 24.73 -8.47 5.97
CA PRO A 3 24.21 -8.42 4.62
C PRO A 3 24.94 -9.36 3.66
N ALA A 4 26.27 -9.31 3.68
CA ALA A 4 27.07 -10.12 2.76
C ALA A 4 26.82 -11.60 3.01
N THR A 5 26.60 -11.99 4.27
CA THR A 5 26.35 -13.40 4.58
C THR A 5 25.03 -13.80 3.93
N VAL A 6 24.05 -12.88 3.91
CA VAL A 6 22.75 -13.21 3.31
C VAL A 6 22.90 -13.42 1.80
N THR A 7 23.71 -12.57 1.17
CA THR A 7 24.07 -12.78 -0.21
C THR A 7 24.63 -14.19 -0.38
N GLU A 8 25.49 -14.59 0.59
CA GLU A 8 26.21 -15.84 0.46
C GLU A 8 25.33 -17.07 0.72
N GLN A 9 24.50 -17.04 1.76
CA GLN A 9 23.86 -18.25 2.27
C GLN A 9 22.34 -18.15 2.22
N GLY A 10 21.85 -16.94 1.90
CA GLY A 10 20.43 -16.69 1.90
C GLY A 10 19.67 -17.50 0.87
N GLU A 11 18.48 -17.96 1.26
CA GLU A 11 17.58 -18.66 0.38
C GLU A 11 16.77 -17.61 -0.39
N ASP A 12 16.63 -17.82 -1.69
CA ASP A 12 15.72 -17.03 -2.50
C ASP A 12 14.25 -17.41 -2.26
N ILE A 13 13.49 -16.49 -1.63
CA ILE A 13 12.11 -16.79 -1.29
C ILE A 13 11.09 -16.11 -2.22
N THR A 14 11.55 -15.55 -3.35
CA THR A 14 10.66 -15.00 -4.36
C THR A 14 10.07 -16.11 -5.22
N SER A 15 8.84 -15.90 -5.69
CA SER A 15 8.20 -16.82 -6.62
C SER A 15 8.94 -16.85 -7.96
N LYS A 16 9.40 -15.67 -8.38
CA LYS A 16 10.07 -15.53 -9.67
C LYS A 16 11.50 -16.03 -9.63
N LYS A 17 12.04 -16.32 -8.44
CA LYS A 17 13.41 -16.75 -8.25
C LYS A 17 14.41 -15.77 -8.88
N ASP A 18 14.25 -14.50 -8.51
CA ASP A 18 15.04 -13.39 -9.02
C ASP A 18 15.97 -12.84 -7.93
N ARG A 19 16.09 -13.58 -6.83
CA ARG A 19 16.96 -13.23 -5.71
C ARG A 19 16.59 -11.87 -5.14
N GLY A 20 15.34 -11.46 -5.39
CA GLY A 20 14.86 -10.13 -4.98
C GLY A 20 14.69 -10.02 -3.46
N VAL A 21 14.41 -11.17 -2.82
CA VAL A 21 14.32 -11.27 -1.38
C VAL A 21 15.08 -12.52 -0.94
N LEU A 22 16.17 -12.29 -0.21
CA LEU A 22 17.01 -13.37 0.28
C LEU A 22 16.86 -13.47 1.78
N LYS A 23 16.83 -14.70 2.29
CA LYS A 23 16.50 -14.95 3.68
C LYS A 23 17.50 -15.92 4.31
N ILE A 24 17.95 -15.59 5.52
CA ILE A 24 18.65 -16.57 6.33
C ILE A 24 17.90 -16.65 7.63
N VAL A 25 17.63 -17.88 8.05
CA VAL A 25 17.15 -18.09 9.39
C VAL A 25 18.37 -18.00 10.32
N LYS A 26 18.35 -17.02 11.24
CA LYS A 26 19.43 -16.80 12.18
C LYS A 26 19.18 -17.56 13.49
N ARG A 27 17.91 -17.61 13.87
CA ARG A 27 17.44 -18.39 14.99
C ARG A 27 16.15 -19.08 14.57
N VAL A 28 16.16 -20.42 14.67
CA VAL A 28 15.03 -21.25 14.32
C VAL A 28 13.95 -20.96 15.35
N GLY A 29 12.70 -20.74 14.93
CA GLY A 29 11.58 -20.53 15.84
C GLY A 29 10.85 -21.84 16.16
N ASN A 30 9.53 -21.76 16.47
CA ASN A 30 8.82 -22.88 17.07
C ASN A 30 7.44 -23.05 16.43
N GLY A 31 7.00 -24.30 16.41
CA GLY A 31 5.71 -24.69 15.84
C GLY A 31 5.81 -24.71 14.32
N GLU A 32 4.72 -25.09 13.68
CA GLU A 32 4.71 -25.28 12.23
C GLU A 32 4.08 -24.08 11.54
N GLU A 33 3.19 -23.38 12.25
CA GLU A 33 2.37 -22.33 11.66
C GLU A 33 3.22 -21.14 11.21
N THR A 34 2.99 -20.68 9.98
CA THR A 34 3.50 -19.39 9.53
C THR A 34 2.27 -18.53 9.24
N PRO A 35 2.34 -17.18 9.31
CA PRO A 35 1.14 -16.37 9.22
C PRO A 35 0.47 -16.29 7.86
N MET A 36 -0.84 -16.07 7.90
CA MET A 36 -1.71 -16.01 6.73
C MET A 36 -2.01 -14.55 6.41
N ILE A 37 -2.32 -14.28 5.15
CA ILE A 37 -2.75 -12.95 4.75
C ILE A 37 -3.94 -12.51 5.60
N GLY A 38 -3.82 -11.30 6.15
CA GLY A 38 -4.82 -10.76 7.05
C GLY A 38 -4.42 -10.88 8.53
N ASP A 39 -3.49 -11.78 8.85
CA ASP A 39 -3.12 -11.94 10.26
C ASP A 39 -2.44 -10.67 10.79
N LYS A 40 -2.70 -10.36 12.06
CA LYS A 40 -1.98 -9.31 12.78
C LYS A 40 -0.63 -9.84 13.24
N VAL A 41 0.45 -9.21 12.80
CA VAL A 41 1.80 -9.67 13.05
C VAL A 41 2.52 -8.67 13.95
N TYR A 42 3.30 -9.23 14.90
CA TYR A 42 4.12 -8.46 15.82
C TYR A 42 5.58 -8.87 15.66
N VAL A 43 6.45 -7.87 15.43
CA VAL A 43 7.85 -8.13 15.21
C VAL A 43 8.69 -7.13 16.00
N HIS A 44 9.97 -7.49 16.24
CA HIS A 44 11.01 -6.51 16.42
C HIS A 44 11.88 -6.53 15.17
N TYR A 45 12.50 -5.38 14.83
CA TYR A 45 13.34 -5.33 13.65
C TYR A 45 14.42 -4.25 13.80
N LYS A 46 15.48 -4.46 13.05
CA LYS A 46 16.47 -3.45 12.70
C LYS A 46 16.57 -3.46 11.18
N GLY A 47 16.70 -2.27 10.62
CA GLY A 47 16.75 -2.07 9.18
C GLY A 47 17.83 -1.05 8.89
N LYS A 48 18.40 -1.16 7.69
CA LYS A 48 19.37 -0.22 7.21
C LYS A 48 19.46 -0.32 5.70
N LEU A 49 19.96 0.75 5.08
CA LEU A 49 20.40 0.66 3.71
C LEU A 49 21.57 -0.31 3.73
N SER A 50 21.69 -1.16 2.68
CA SER A 50 22.81 -2.08 2.55
C SER A 50 24.16 -1.37 2.76
N ASN A 51 24.25 -0.10 2.34
CA ASN A 51 25.33 0.84 2.62
C ASN A 51 25.73 0.89 4.10
N GLY A 52 24.73 0.95 4.97
CA GLY A 52 24.92 1.22 6.40
C GLY A 52 24.29 2.55 6.83
N LYS A 53 23.85 3.41 5.88
CA LYS A 53 23.91 4.88 5.96
C LYS A 53 22.71 5.55 6.68
N LYS A 54 21.57 4.85 6.65
CA LYS A 54 20.40 5.08 7.48
C LYS A 54 20.20 3.77 8.20
N PHE A 55 19.95 3.84 9.51
CA PHE A 55 19.72 2.74 10.44
C PHE A 55 18.45 3.04 11.23
N ASP A 56 17.59 2.04 11.36
CA ASP A 56 16.28 2.19 11.96
C ASP A 56 16.03 0.96 12.83
N SER A 57 15.38 1.14 13.96
CA SER A 57 15.13 0.02 14.83
C SER A 57 13.83 0.24 15.59
N SER A 58 13.00 -0.82 15.66
CA SER A 58 11.84 -0.85 16.52
C SER A 58 12.29 -0.77 17.98
N HIS A 59 13.49 -1.31 18.26
CA HIS A 59 14.05 -1.26 19.60
C HIS A 59 14.34 0.20 19.97
N ASP A 60 14.51 1.08 18.97
CA ASP A 60 14.63 2.52 19.23
C ASP A 60 13.34 3.07 19.82
N ARG A 61 12.19 2.41 19.66
CA ARG A 61 10.95 2.87 20.30
C ARG A 61 10.59 1.90 21.44
N ASN A 62 11.41 0.88 21.65
CA ASN A 62 11.25 -0.11 22.72
C ASN A 62 9.86 -0.76 22.69
N GLU A 63 9.27 -0.94 21.50
CA GLU A 63 7.95 -1.55 21.40
C GLU A 63 7.79 -2.25 20.04
N PRO A 64 6.97 -3.32 19.94
CA PRO A 64 6.89 -4.07 18.71
C PRO A 64 6.31 -3.24 17.56
N PHE A 65 6.72 -3.62 16.35
CA PHE A 65 6.11 -3.10 15.15
C PHE A 65 5.00 -4.06 14.74
N VAL A 66 3.84 -3.49 14.43
CA VAL A 66 2.63 -4.30 14.24
C VAL A 66 2.04 -3.96 12.89
N PHE A 67 1.73 -4.98 12.10
CA PHE A 67 1.06 -4.74 10.83
C PHE A 67 0.22 -5.96 10.45
N SER A 68 -0.66 -5.76 9.47
CA SER A 68 -1.50 -6.82 8.93
C SER A 68 -0.82 -7.37 7.69
N LEU A 69 -0.63 -8.68 7.67
CA LEU A 69 0.19 -9.30 6.65
C LEU A 69 -0.54 -9.32 5.30
N GLY A 70 0.19 -8.96 4.26
CA GLY A 70 -0.20 -9.24 2.89
C GLY A 70 -1.21 -8.25 2.35
N LYS A 71 -1.24 -7.05 2.97
CA LYS A 71 -2.04 -5.93 2.50
C LYS A 71 -1.20 -4.77 1.94
N GLY A 72 0.08 -4.95 1.71
CA GLY A 72 0.89 -3.86 1.19
C GLY A 72 1.05 -2.70 2.19
N GLN A 73 0.81 -2.94 3.50
CA GLN A 73 1.05 -1.97 4.55
C GLN A 73 2.55 -1.79 4.83
N VAL A 74 3.31 -2.73 4.29
CA VAL A 74 4.76 -2.74 4.30
C VAL A 74 5.26 -3.03 2.90
N ILE A 75 6.56 -2.79 2.67
CA ILE A 75 7.15 -3.14 1.37
C ILE A 75 6.91 -4.63 1.06
N LYS A 76 6.91 -4.94 -0.26
CA LYS A 76 6.59 -6.27 -0.78
C LYS A 76 7.47 -7.28 -0.05
N ALA A 77 8.75 -6.97 0.16
CA ALA A 77 9.68 -7.95 0.75
C ALA A 77 9.25 -8.41 2.13
N TRP A 78 8.60 -7.51 2.89
CA TRP A 78 8.13 -7.90 4.21
C TRP A 78 6.93 -8.82 4.11
N ASP A 79 5.99 -8.47 3.23
CA ASP A 79 4.81 -9.33 3.04
C ASP A 79 5.27 -10.73 2.65
N ILE A 80 6.25 -10.80 1.73
CA ILE A 80 6.79 -12.11 1.31
C ILE A 80 7.56 -12.78 2.45
N GLY A 81 8.45 -12.05 3.09
CA GLY A 81 9.43 -12.66 3.99
C GLY A 81 8.81 -13.05 5.33
N VAL A 82 8.00 -12.15 5.89
CA VAL A 82 7.44 -12.46 7.18
C VAL A 82 6.48 -13.65 7.07
N ALA A 83 5.81 -13.83 5.90
CA ALA A 83 4.92 -14.95 5.65
C ALA A 83 5.66 -16.28 5.76
N THR A 84 6.98 -16.27 5.63
CA THR A 84 7.72 -17.53 5.68
C THR A 84 8.15 -17.90 7.09
N MET A 85 7.94 -17.02 8.07
CA MET A 85 8.62 -17.17 9.35
C MET A 85 7.69 -17.82 10.37
N LYS A 86 8.34 -18.59 11.27
CA LYS A 86 7.68 -19.22 12.40
C LYS A 86 7.83 -18.33 13.64
N LYS A 87 6.87 -18.45 14.56
CA LYS A 87 6.92 -17.68 15.81
C LYS A 87 8.22 -17.98 16.54
N GLY A 88 8.95 -16.93 16.95
CA GLY A 88 10.22 -17.05 17.67
C GLY A 88 11.42 -16.96 16.73
N GLU A 89 11.16 -17.01 15.42
CA GLU A 89 12.20 -16.99 14.42
C GLU A 89 12.84 -15.61 14.37
N ILE A 90 14.16 -15.59 14.14
CA ILE A 90 14.85 -14.40 13.72
C ILE A 90 15.44 -14.70 12.35
N ALA A 91 15.13 -13.81 11.41
CA ALA A 91 15.59 -13.92 10.04
C ALA A 91 16.33 -12.64 9.65
N HIS A 92 17.28 -12.81 8.75
CA HIS A 92 17.88 -11.72 8.02
C HIS A 92 17.28 -11.70 6.62
N LEU A 93 16.88 -10.51 6.16
CA LEU A 93 16.46 -10.30 4.78
C LEU A 93 17.39 -9.29 4.11
N LEU A 94 17.74 -9.63 2.87
CA LEU A 94 18.39 -8.68 1.99
C LEU A 94 17.54 -8.55 0.74
N ILE A 95 17.26 -7.29 0.35
CA ILE A 95 16.15 -6.94 -0.51
C ILE A 95 16.59 -6.01 -1.63
N LYS A 96 16.36 -6.46 -2.86
CA LYS A 96 16.62 -5.67 -4.04
C LYS A 96 15.55 -4.59 -4.14
N PRO A 97 15.86 -3.49 -4.82
CA PRO A 97 14.95 -2.35 -4.82
C PRO A 97 13.55 -2.65 -5.37
N GLU A 98 13.42 -3.63 -6.26
CA GLU A 98 12.13 -3.95 -6.83
C GLU A 98 11.15 -4.44 -5.75
N TYR A 99 11.67 -4.96 -4.61
CA TYR A 99 10.83 -5.49 -3.55
C TYR A 99 10.81 -4.55 -2.35
N ALA A 100 11.34 -3.34 -2.54
CA ALA A 100 11.40 -2.36 -1.47
C ALA A 100 10.82 -1.04 -1.99
N TYR A 101 11.68 -0.08 -2.33
CA TYR A 101 11.19 1.23 -2.75
C TYR A 101 11.50 1.55 -4.21
N GLY A 102 12.11 0.62 -4.95
CA GLY A 102 12.08 0.78 -6.41
C GLY A 102 12.98 1.88 -6.94
N SER A 103 12.76 2.22 -8.23
CA SER A 103 13.51 3.28 -8.90
C SER A 103 13.14 4.63 -8.30
N ALA A 104 11.88 4.81 -7.88
CA ALA A 104 11.46 6.06 -7.29
C ALA A 104 12.12 6.34 -5.95
N GLY A 105 12.37 5.30 -5.16
CA GLY A 105 12.82 5.50 -3.80
C GLY A 105 11.73 6.11 -2.92
N SER A 106 12.15 6.70 -1.80
CA SER A 106 11.24 7.35 -0.87
C SER A 106 12.05 8.49 -0.27
N LEU A 107 12.34 9.46 -1.14
CA LEU A 107 13.27 10.52 -0.79
C LEU A 107 12.61 11.45 0.22
N PRO A 108 13.40 12.04 1.14
CA PRO A 108 14.85 11.91 1.24
C PRO A 108 15.32 10.68 2.02
N LYS A 109 14.44 9.96 2.72
CA LYS A 109 14.88 8.88 3.62
C LYS A 109 15.56 7.74 2.83
N ILE A 110 14.98 7.31 1.71
CA ILE A 110 15.48 6.17 0.95
C ILE A 110 15.78 6.60 -0.47
N PRO A 111 17.04 6.45 -0.97
CA PRO A 111 17.37 6.80 -2.35
C PRO A 111 16.75 5.86 -3.39
N SER A 112 16.81 6.32 -4.64
CA SER A 112 16.54 5.51 -5.81
C SER A 112 17.35 4.22 -5.79
N ASN A 113 16.73 3.12 -6.20
CA ASN A 113 17.42 1.85 -6.43
C ASN A 113 18.21 1.37 -5.20
N ALA A 114 17.61 1.48 -4.00
CA ALA A 114 18.28 1.09 -2.77
C ALA A 114 18.05 -0.38 -2.44
N THR A 115 19.14 -1.06 -2.04
CA THR A 115 19.05 -2.37 -1.41
C THR A 115 18.94 -2.16 0.09
N LEU A 116 18.07 -2.94 0.70
CA LEU A 116 17.77 -2.85 2.12
C LEU A 116 18.17 -4.16 2.80
N PHE A 117 18.53 -4.00 4.09
CA PHE A 117 18.75 -5.13 4.98
C PHE A 117 17.88 -5.01 6.23
N PHE A 118 17.28 -6.14 6.64
CA PHE A 118 16.55 -6.22 7.88
C PHE A 118 16.92 -7.45 8.68
N GLU A 119 16.94 -7.26 10.00
CA GLU A 119 16.86 -8.34 10.95
C GLU A 119 15.49 -8.27 11.59
N ILE A 120 14.72 -9.38 11.47
CA ILE A 120 13.37 -9.41 11.97
C ILE A 120 13.20 -10.57 12.90
N GLU A 121 12.59 -10.24 14.04
CA GLU A 121 12.17 -11.24 15.01
C GLU A 121 10.66 -11.30 14.99
N LEU A 122 10.10 -12.46 14.67
CA LEU A 122 8.67 -12.66 14.65
C LEU A 122 8.23 -13.06 16.05
N LEU A 123 7.56 -12.15 16.76
CA LEU A 123 7.19 -12.29 18.16
C LEU A 123 5.90 -13.07 18.29
N ASP A 124 4.92 -12.72 17.46
CA ASP A 124 3.63 -13.37 17.51
C ASP A 124 2.84 -13.03 16.25
N PHE A 125 1.80 -13.81 16.00
CA PHE A 125 0.79 -13.41 15.01
C PHE A 125 -0.52 -14.03 15.45
N LYS A 126 -1.59 -13.26 15.19
CA LYS A 126 -2.94 -13.60 15.60
C LYS A 126 -3.86 -13.42 14.39
N GLY A 127 -4.98 -14.16 14.39
CA GLY A 127 -6.04 -14.03 13.41
C GLY A 127 -6.69 -12.65 13.45
N GLU A 128 -7.11 -12.15 12.28
CA GLU A 128 -7.83 -10.88 12.23
C GLU A 128 -9.17 -11.02 12.98
N GLY B 1 -3.01 21.36 -14.84
CA GLY B 1 -4.07 20.47 -15.33
C GLY B 1 -5.03 20.09 -14.20
N ALA B 2 -5.72 18.97 -14.43
CA ALA B 2 -6.83 18.57 -13.59
C ALA B 2 -6.36 18.38 -12.14
N PRO B 3 -5.22 17.74 -11.87
CA PRO B 3 -4.80 17.59 -10.48
C PRO B 3 -4.61 18.96 -9.78
N ALA B 4 -3.91 19.90 -10.43
CA ALA B 4 -3.63 21.21 -9.84
C ALA B 4 -4.94 21.96 -9.55
N THR B 5 -5.95 21.78 -10.41
CA THR B 5 -7.23 22.44 -10.21
C THR B 5 -7.89 21.90 -8.94
N VAL B 6 -7.77 20.58 -8.69
CA VAL B 6 -8.35 20.03 -7.47
C VAL B 6 -7.62 20.58 -6.25
N THR B 7 -6.29 20.67 -6.34
CA THR B 7 -5.51 21.29 -5.28
C THR B 7 -6.07 22.67 -4.96
N GLU B 8 -6.33 23.44 -6.01
CA GLU B 8 -6.67 24.86 -5.83
C GLU B 8 -8.12 25.01 -5.37
N GLN B 9 -9.06 24.20 -5.91
CA GLN B 9 -10.48 24.50 -5.83
C GLN B 9 -11.28 23.41 -5.11
N GLY B 10 -10.64 22.26 -4.86
CA GLY B 10 -11.45 21.14 -4.42
C GLY B 10 -11.87 21.28 -2.96
N GLU B 11 -12.99 20.63 -2.65
CA GLU B 11 -13.47 20.51 -1.29
C GLU B 11 -12.70 19.43 -0.51
N ASP B 12 -12.35 19.70 0.71
CA ASP B 12 -11.78 18.70 1.62
C ASP B 12 -12.91 17.90 2.25
N ILE B 13 -13.03 16.63 1.86
CA ILE B 13 -14.10 15.75 2.33
C ILE B 13 -13.60 14.75 3.38
N THR B 14 -12.43 15.00 3.96
CA THR B 14 -11.96 14.20 5.09
C THR B 14 -12.60 14.70 6.37
N SER B 15 -12.83 13.77 7.29
CA SER B 15 -13.34 14.09 8.62
C SER B 15 -12.33 14.89 9.42
N LYS B 16 -11.04 14.60 9.26
CA LYS B 16 -10.01 15.26 10.04
C LYS B 16 -9.65 16.62 9.45
N LYS B 17 -10.15 16.92 8.23
CA LYS B 17 -9.84 18.15 7.51
C LYS B 17 -8.34 18.37 7.36
N ASP B 18 -7.69 17.33 6.81
CA ASP B 18 -6.26 17.27 6.58
C ASP B 18 -5.95 17.37 5.09
N ARG B 19 -6.95 17.72 4.27
CA ARG B 19 -6.82 17.83 2.81
C ARG B 19 -6.32 16.55 2.16
N GLY B 20 -6.60 15.43 2.82
CA GLY B 20 -6.13 14.15 2.34
C GLY B 20 -6.93 13.63 1.14
N VAL B 21 -8.19 14.09 1.03
CA VAL B 21 -9.04 13.76 -0.10
C VAL B 21 -9.75 15.05 -0.49
N LEU B 22 -9.47 15.49 -1.72
CA LEU B 22 -10.03 16.73 -2.26
C LEU B 22 -10.90 16.35 -3.44
N LYS B 23 -12.06 17.03 -3.56
CA LYS B 23 -13.07 16.63 -4.53
C LYS B 23 -13.61 17.85 -5.30
N ILE B 24 -13.77 17.70 -6.61
CA ILE B 24 -14.57 18.63 -7.42
C ILE B 24 -15.61 17.82 -8.17
N VAL B 25 -16.86 18.30 -8.16
CA VAL B 25 -17.88 17.71 -9.01
C VAL B 25 -17.74 18.31 -10.41
N LYS B 26 -17.53 17.47 -11.43
CA LYS B 26 -17.32 17.92 -12.80
C LYS B 26 -18.62 17.85 -13.61
N ARG B 27 -19.46 16.84 -13.29
CA ARG B 27 -20.79 16.75 -13.84
C ARG B 27 -21.73 16.36 -12.71
N VAL B 28 -22.82 17.12 -12.55
CA VAL B 28 -23.80 16.85 -11.50
C VAL B 28 -24.59 15.61 -11.94
N GLY B 29 -24.80 14.71 -10.97
CA GLY B 29 -25.64 13.55 -11.13
C GLY B 29 -27.09 13.82 -10.70
N ASN B 30 -27.84 12.75 -10.42
CA ASN B 30 -29.30 12.79 -10.33
C ASN B 30 -29.79 11.99 -9.12
N GLY B 31 -30.89 12.49 -8.53
CA GLY B 31 -31.35 11.97 -7.26
C GLY B 31 -30.51 12.53 -6.12
N GLU B 32 -31.07 12.41 -4.91
CA GLU B 32 -30.49 12.93 -3.67
C GLU B 32 -30.13 11.76 -2.75
N GLU B 33 -29.98 10.54 -3.33
CA GLU B 33 -29.40 9.48 -2.56
C GLU B 33 -27.95 9.28 -3.03
N THR B 34 -27.02 9.39 -2.11
CA THR B 34 -25.69 8.84 -2.34
C THR B 34 -25.79 7.34 -2.11
N PRO B 35 -24.82 6.49 -2.54
CA PRO B 35 -24.77 5.12 -2.06
C PRO B 35 -24.51 5.07 -0.57
N MET B 36 -24.93 3.97 0.06
CA MET B 36 -24.77 3.71 1.47
C MET B 36 -23.68 2.64 1.61
N ILE B 37 -23.03 2.61 2.77
CA ILE B 37 -22.04 1.61 3.12
C ILE B 37 -22.63 0.21 2.98
N GLY B 38 -21.91 -0.68 2.28
CA GLY B 38 -22.40 -2.02 2.02
C GLY B 38 -22.92 -2.16 0.59
N ASP B 39 -23.31 -1.04 -0.05
CA ASP B 39 -23.88 -1.11 -1.38
C ASP B 39 -22.86 -1.65 -2.37
N LYS B 40 -23.34 -2.41 -3.35
CA LYS B 40 -22.55 -2.74 -4.53
C LYS B 40 -22.57 -1.54 -5.49
N VAL B 41 -21.38 -1.03 -5.81
CA VAL B 41 -21.23 0.18 -6.60
C VAL B 41 -20.56 -0.17 -7.93
N TYR B 42 -21.04 0.50 -8.98
CA TYR B 42 -20.53 0.39 -10.34
C TYR B 42 -20.01 1.74 -10.79
N VAL B 43 -18.74 1.78 -11.22
CA VAL B 43 -18.15 3.03 -11.68
C VAL B 43 -17.39 2.78 -12.98
N HIS B 44 -17.16 3.86 -13.74
CA HIS B 44 -16.02 3.93 -14.63
C HIS B 44 -15.03 4.90 -14.00
N TYR B 45 -13.74 4.69 -14.22
CA TYR B 45 -12.74 5.58 -13.65
C TYR B 45 -11.51 5.62 -14.56
N LYS B 46 -10.79 6.74 -14.45
CA LYS B 46 -9.42 6.85 -14.91
C LYS B 46 -8.61 7.33 -13.70
N GLY B 47 -7.46 6.71 -13.47
CA GLY B 47 -6.59 7.05 -12.36
C GLY B 47 -5.14 7.15 -12.79
N LYS B 48 -4.39 8.02 -12.12
CA LYS B 48 -3.01 8.30 -12.48
C LYS B 48 -2.27 8.68 -11.19
N LEU B 49 -0.95 8.46 -11.18
CA LEU B 49 -0.10 9.16 -10.23
C LEU B 49 -0.22 10.65 -10.53
N SER B 50 -0.26 11.52 -9.53
CA SER B 50 -0.59 12.93 -9.76
C SER B 50 0.39 13.59 -10.72
N ASN B 51 1.64 13.10 -10.74
CA ASN B 51 2.70 13.62 -11.59
C ASN B 51 2.75 12.92 -12.94
N GLY B 52 2.27 11.68 -13.00
CA GLY B 52 2.37 10.87 -14.21
C GLY B 52 1.52 11.45 -15.35
N LYS B 53 1.56 10.77 -16.50
CA LYS B 53 0.77 11.15 -17.66
C LYS B 53 -0.22 10.04 -17.98
N LYS B 54 0.22 8.78 -17.92
CA LYS B 54 -0.57 7.62 -18.33
C LYS B 54 -1.57 7.25 -17.23
N PHE B 55 -2.77 6.87 -17.67
CA PHE B 55 -3.85 6.45 -16.80
C PHE B 55 -4.00 4.93 -16.76
N ASP B 56 -4.45 4.45 -15.60
CA ASP B 56 -5.17 3.19 -15.51
C ASP B 56 -6.63 3.54 -15.71
N SER B 57 -7.33 2.73 -16.51
CA SER B 57 -8.72 3.07 -16.80
C SER B 57 -9.54 1.80 -16.87
N SER B 58 -10.76 1.88 -16.34
CA SER B 58 -11.73 0.81 -16.48
C SER B 58 -12.10 0.62 -17.94
N HIS B 59 -11.99 1.69 -18.73
CA HIS B 59 -12.30 1.63 -20.15
C HIS B 59 -11.25 0.78 -20.86
N ASP B 60 -10.04 0.68 -20.25
CA ASP B 60 -9.00 -0.21 -20.78
C ASP B 60 -9.45 -1.68 -20.72
N ARG B 61 -10.36 -2.00 -19.80
CA ARG B 61 -10.79 -3.39 -19.63
C ARG B 61 -12.22 -3.52 -20.17
N ASN B 62 -12.76 -2.42 -20.74
CA ASN B 62 -14.04 -2.43 -21.44
C ASN B 62 -15.15 -2.99 -20.53
N GLU B 63 -15.06 -2.71 -19.21
CA GLU B 63 -16.13 -3.08 -18.29
C GLU B 63 -16.10 -2.13 -17.09
N PRO B 64 -17.27 -1.92 -16.43
CA PRO B 64 -17.29 -1.18 -15.18
C PRO B 64 -16.46 -1.86 -14.08
N PHE B 65 -15.93 -1.01 -13.18
CA PHE B 65 -15.32 -1.50 -11.96
C PHE B 65 -16.37 -1.56 -10.87
N VAL B 66 -16.42 -2.69 -10.17
CA VAL B 66 -17.50 -2.96 -9.22
C VAL B 66 -16.88 -3.30 -7.88
N PHE B 67 -17.40 -2.68 -6.82
CA PHE B 67 -16.91 -2.97 -5.47
C PHE B 67 -18.03 -2.68 -4.45
N SER B 68 -17.84 -3.21 -3.24
CA SER B 68 -18.75 -2.98 -2.13
C SER B 68 -18.25 -1.81 -1.30
N LEU B 69 -19.11 -0.80 -1.12
CA LEU B 69 -18.70 0.45 -0.50
C LEU B 69 -18.42 0.26 0.98
N GLY B 70 -17.29 0.81 1.43
CA GLY B 70 -16.98 0.91 2.85
C GLY B 70 -16.54 -0.41 3.47
N LYS B 71 -16.01 -1.31 2.64
CA LYS B 71 -15.54 -2.63 3.06
C LYS B 71 -14.01 -2.72 2.89
N GLY B 72 -13.33 -1.61 2.60
CA GLY B 72 -11.89 -1.65 2.38
C GLY B 72 -11.48 -2.52 1.19
N GLN B 73 -12.33 -2.60 0.16
CA GLN B 73 -11.97 -3.31 -1.06
C GLN B 73 -11.18 -2.41 -1.99
N VAL B 74 -11.12 -1.15 -1.60
CA VAL B 74 -10.50 -0.08 -2.35
C VAL B 74 -9.77 0.80 -1.32
N ILE B 75 -8.92 1.70 -1.81
CA ILE B 75 -8.26 2.66 -0.97
C ILE B 75 -9.27 3.53 -0.21
N LYS B 76 -8.89 3.93 1.01
CA LYS B 76 -9.77 4.69 1.91
C LYS B 76 -10.39 5.87 1.16
N ALA B 77 -9.62 6.59 0.32
CA ALA B 77 -10.15 7.75 -0.42
C ALA B 77 -11.38 7.39 -1.24
N TRP B 78 -11.46 6.17 -1.78
CA TRP B 78 -12.62 5.82 -2.58
C TRP B 78 -13.83 5.55 -1.67
N ASP B 79 -13.62 4.87 -0.53
CA ASP B 79 -14.70 4.63 0.38
C ASP B 79 -15.28 5.97 0.86
N ILE B 80 -14.41 6.93 1.14
CA ILE B 80 -14.85 8.26 1.57
C ILE B 80 -15.50 8.99 0.41
N GLY B 81 -14.86 8.98 -0.75
CA GLY B 81 -15.28 9.83 -1.85
C GLY B 81 -16.53 9.36 -2.56
N VAL B 82 -16.60 8.06 -2.86
CA VAL B 82 -17.75 7.53 -3.57
C VAL B 82 -19.00 7.66 -2.70
N ALA B 83 -18.87 7.62 -1.37
CA ALA B 83 -20.00 7.81 -0.45
C ALA B 83 -20.63 9.20 -0.60
N THR B 84 -19.95 10.13 -1.27
CA THR B 84 -20.45 11.52 -1.39
C THR B 84 -21.12 11.71 -2.73
N MET B 85 -21.06 10.74 -3.65
CA MET B 85 -21.46 10.96 -5.05
C MET B 85 -22.89 10.50 -5.32
N LYS B 86 -23.50 11.12 -6.34
CA LYS B 86 -24.85 10.80 -6.80
C LYS B 86 -24.73 10.00 -8.11
N LYS B 87 -25.72 9.13 -8.38
CA LYS B 87 -25.74 8.41 -9.63
C LYS B 87 -25.69 9.39 -10.81
N GLY B 88 -24.78 9.17 -11.77
CA GLY B 88 -24.60 10.04 -12.92
C GLY B 88 -23.50 11.07 -12.71
N GLU B 89 -23.02 11.20 -11.48
CA GLU B 89 -22.00 12.20 -11.15
C GLU B 89 -20.65 11.79 -11.73
N ILE B 90 -19.91 12.80 -12.22
CA ILE B 90 -18.49 12.65 -12.49
C ILE B 90 -17.77 13.59 -11.52
N ALA B 91 -16.84 13.00 -10.75
CA ALA B 91 -16.08 13.72 -9.76
C ALA B 91 -14.57 13.52 -10.02
N HIS B 92 -13.81 14.55 -9.67
CA HIS B 92 -12.36 14.46 -9.59
C HIS B 92 -11.93 14.38 -8.14
N LEU B 93 -11.06 13.41 -7.82
CA LEU B 93 -10.42 13.27 -6.52
C LEU B 93 -8.91 13.42 -6.66
N LEU B 94 -8.35 14.13 -5.72
CA LEU B 94 -6.92 14.18 -5.51
C LEU B 94 -6.63 13.72 -4.08
N ILE B 95 -5.69 12.76 -3.94
CA ILE B 95 -5.59 11.92 -2.77
C ILE B 95 -4.15 11.85 -2.26
N LYS B 96 -3.95 12.26 -1.02
CA LYS B 96 -2.66 12.15 -0.33
C LYS B 96 -2.39 10.70 -0.01
N PRO B 97 -1.11 10.35 0.15
CA PRO B 97 -0.78 8.94 0.34
C PRO B 97 -1.42 8.30 1.55
N GLU B 98 -1.69 9.10 2.59
CA GLU B 98 -2.32 8.56 3.78
C GLU B 98 -3.70 7.94 3.49
N TYR B 99 -4.37 8.36 2.41
CA TYR B 99 -5.69 7.84 2.05
C TYR B 99 -5.61 6.95 0.80
N ALA B 100 -4.37 6.55 0.46
CA ALA B 100 -4.16 5.66 -0.68
C ALA B 100 -3.19 4.57 -0.23
N TYR B 101 -1.93 4.59 -0.69
CA TYR B 101 -1.00 3.49 -0.41
C TYR B 101 0.17 3.84 0.49
N GLY B 102 0.16 5.03 1.09
CA GLY B 102 1.06 5.31 2.21
C GLY B 102 2.55 5.33 1.88
N SER B 103 3.34 5.13 2.93
CA SER B 103 4.80 5.19 2.81
C SER B 103 5.29 3.92 2.13
N ALA B 104 4.61 2.79 2.32
CA ALA B 104 5.06 1.55 1.68
C ALA B 104 4.80 1.55 0.18
N GLY B 105 3.78 2.28 -0.30
CA GLY B 105 3.33 2.18 -1.69
C GLY B 105 2.77 0.80 -2.02
N SER B 106 2.65 0.53 -3.31
CA SER B 106 2.21 -0.76 -3.81
C SER B 106 2.87 -0.99 -5.17
N LEU B 107 4.16 -1.34 -5.11
CA LEU B 107 4.96 -1.51 -6.30
C LEU B 107 4.48 -2.75 -7.07
N PRO B 108 4.60 -2.76 -8.40
CA PRO B 108 5.27 -1.71 -9.16
C PRO B 108 4.43 -0.51 -9.56
N LYS B 109 3.10 -0.63 -9.43
N LYS B 109 3.10 -0.62 -9.42
CA LYS B 109 2.24 0.42 -9.97
CA LYS B 109 2.23 0.40 -9.97
C LYS B 109 2.39 1.71 -9.18
C LYS B 109 2.27 1.70 -9.17
N ILE B 110 2.44 1.63 -7.85
CA ILE B 110 2.39 2.83 -7.03
C ILE B 110 3.63 2.95 -6.15
N PRO B 111 4.42 4.06 -6.28
CA PRO B 111 5.56 4.27 -5.41
C PRO B 111 5.20 4.72 -4.01
N SER B 112 6.21 4.72 -3.16
CA SER B 112 6.11 5.31 -1.84
C SER B 112 5.62 6.77 -1.90
N ASN B 113 4.71 7.09 -0.99
CA ASN B 113 4.30 8.46 -0.77
C ASN B 113 3.65 9.11 -2.01
N ALA B 114 2.91 8.35 -2.78
CA ALA B 114 2.28 8.80 -4.01
C ALA B 114 0.94 9.52 -3.73
N THR B 115 0.78 10.70 -4.38
CA THR B 115 -0.51 11.33 -4.50
C THR B 115 -1.15 10.83 -5.76
N LEU B 116 -2.46 10.55 -5.69
CA LEU B 116 -3.20 9.94 -6.78
C LEU B 116 -4.29 10.91 -7.22
N PHE B 117 -4.61 10.84 -8.51
CA PHE B 117 -5.72 11.56 -9.12
C PHE B 117 -6.66 10.56 -9.79
N PHE B 118 -7.97 10.73 -9.54
CA PHE B 118 -8.98 9.95 -10.22
C PHE B 118 -10.07 10.85 -10.79
N GLU B 119 -10.57 10.44 -11.96
CA GLU B 119 -11.88 10.83 -12.41
C GLU B 119 -12.78 9.59 -12.27
N ILE B 120 -13.88 9.77 -11.55
CA ILE B 120 -14.83 8.71 -11.30
C ILE B 120 -16.21 9.11 -11.81
N GLU B 121 -16.80 8.16 -12.54
CA GLU B 121 -18.20 8.28 -12.92
C GLU B 121 -18.98 7.21 -12.16
N LEU B 122 -19.95 7.65 -11.36
CA LEU B 122 -20.82 6.73 -10.64
C LEU B 122 -21.98 6.30 -11.54
N LEU B 123 -21.94 5.03 -11.96
CA LEU B 123 -22.83 4.46 -12.95
C LEU B 123 -24.13 4.00 -12.29
N ASP B 124 -23.99 3.31 -11.16
CA ASP B 124 -25.14 2.75 -10.46
C ASP B 124 -24.67 2.22 -9.12
N PHE B 125 -25.63 1.94 -8.24
CA PHE B 125 -25.39 1.22 -7.02
C PHE B 125 -26.68 0.55 -6.55
N LYS B 126 -26.52 -0.60 -5.87
CA LYS B 126 -27.61 -1.44 -5.36
C LYS B 126 -27.30 -1.83 -3.92
N GLY B 127 -28.35 -1.93 -3.10
CA GLY B 127 -28.24 -2.21 -1.67
C GLY B 127 -27.80 -3.63 -1.43
N GLU B 128 -27.01 -3.87 -0.37
CA GLU B 128 -26.55 -5.22 -0.08
C GLU B 128 -27.78 -6.04 0.35
C4 A1INM C . 11.26 2.87 7.32
C14 A1INM C . 5.86 1.36 6.22
C5 A1INM C . 11.10 3.45 8.57
C6 A1INM C . 10.44 4.67 8.69
C11 A1INM C . 6.40 3.88 7.85
C7 A1INM C . 10.48 4.62 11.05
C8 A1INM C . 9.87 5.28 7.59
C9 A1INM C . 7.84 6.73 7.61
C10 A1INM C . 7.09 6.12 8.76
C12 A1INM C . 6.51 2.61 8.32
C13 A1INM C . 6.05 1.31 7.73
N1 A1INM C . 6.92 4.68 8.80
N2 A1INM C . 7.14 2.67 9.53
C3 A1INM C . 10.73 3.50 6.21
N3 A1INM C . 7.40 3.93 9.83
C1 A1INM C . 9.60 4.90 4.01
O1 A1INM C . 9.47 5.41 5.32
C2 A1INM C . 10.02 4.70 6.34
O2 A1INM C . 10.25 5.34 9.85
O3 A1INM C . 9.26 6.52 7.78
C15 A1INM C . 7.12 1.60 5.43
O4 A1INM C . 8.26 0.88 5.95
C16 A1INM C . 8.31 -0.39 5.53
O5 A1INM C . 7.51 -0.91 4.82
C17 A1INM C . 9.57 -1.10 6.06
C18 A1INM C . 9.20 -2.42 6.72
C19 A1INM C . 8.61 -2.24 8.08
C20 A1INM C . 9.51 -1.41 8.97
C21 A1INM C . 9.87 -0.07 8.33
N4 A1INM C . 10.39 -0.24 6.94
C22 A1INM C . 11.32 0.55 6.36
O6 A1INM C . 11.50 0.56 5.14
C23 A1INM C . 12.07 1.58 7.20
C24 A1INM C . 13.43 1.88 6.55
C25 A1INM C . 14.38 0.69 6.66
C26 A1INM C . 15.72 1.02 6.02
C27 A1INM C . 16.42 2.17 6.71
C28 A1INM C . 15.52 3.38 6.70
C29 A1INM C . 14.11 3.09 7.23
H17 A1INM C . 5.48 0.51 5.93
H16 A1INM C . 5.21 2.06 6.02
H5 A1INM C . 11.49 3.04 9.33
H13 A1INM C . 6.00 4.16 7.05
H7 A1INM C . 10.21 5.15 11.81
H8 A1INM C . 11.43 4.41 11.12
H6 A1INM C . 9.97 3.79 11.04
H9 A1INM C . 7.55 6.31 6.76
H10 A1INM C . 7.65 7.69 7.56
H12 A1INM C . 7.54 6.38 9.58
H11 A1INM C . 6.21 6.52 8.79
H15 A1INM C . 6.70 0.61 7.95
H14 A1INM C . 5.20 1.06 8.15
H4 A1INM C . 10.82 3.11 5.35
H2 A1INM C . 9.18 5.50 3.40
H3 A1INM C . 9.16 4.02 3.96
H1 A1INM C . 10.54 4.80 3.79
H19 A1INM C . 6.97 1.36 4.49
H18 A1INM C . 7.31 2.57 5.45
H20 A1INM C . 10.13 -1.30 5.27
H22 A1INM C . 8.57 -2.91 6.15
H21 A1INM C . 10.01 -2.98 6.80
H23 A1INM C . 8.46 -3.12 8.49
H24 A1INM C . 7.73 -1.79 7.99
H25 A1INM C . 10.34 -1.91 9.15
H26 A1INM C . 9.06 -1.24 9.82
H27 A1INM C . 10.56 0.37 8.89
H28 A1INM C . 9.08 0.51 8.31
H29 A1INM C . 12.21 1.20 8.11
H30 A1INM C . 13.30 2.10 5.58
H32 A1INM C . 14.51 0.45 7.60
H31 A1INM C . 13.99 -0.08 6.20
H33 A1INM C . 15.57 1.26 5.08
H34 A1INM C . 16.30 0.23 6.04
H35 A1INM C . 17.26 2.38 6.25
H36 A1INM C . 16.64 1.93 7.64
H37 A1INM C . 15.46 3.73 5.79
H38 A1INM C . 15.92 4.09 7.26
H40 A1INM C . 14.15 2.93 8.18
H39 A1INM C . 13.55 3.88 7.08
C4 A1INM D . -4.84 0.15 -9.39
C14 A1INM D . -8.03 -2.41 -5.52
C5 A1INM D . -5.07 -0.63 -10.51
C6 A1INM D . -4.62 -1.94 -10.59
C11 A1INM D . -6.56 -4.14 -7.59
C7 A1INM D . -5.65 -2.37 -12.73
C8 A1INM D . -3.88 -2.47 -9.55
C9 A1INM D . -3.78 -4.71 -8.69
C10 A1INM D . -5.02 -5.43 -9.14
C12 A1INM D . -7.73 -3.44 -7.83
C13 A1INM D . -8.62 -2.69 -6.89
N1 A1INM D . -6.18 -4.59 -8.80
N2 A1INM D . -7.95 -3.44 -9.17
C3 A1INM D . -4.11 -0.37 -8.34
N3 A1INM D . -6.99 -4.12 -9.78
C1 A1INM D . -2.68 -1.54 -6.24
O1 A1INM D . -2.89 -2.29 -7.43
C2 A1INM D . -3.61 -1.67 -8.42
O2 A1INM D . -4.81 -2.78 -11.66
O3 A1INM D . -3.44 -3.77 -9.70
C15 A1INM D . -6.80 -1.55 -5.52
O4 A1INM D . -7.04 -0.34 -6.27
C16 A1INM D . -7.71 0.65 -5.64
O5 A1INM D . -8.16 0.63 -4.53
C17 A1INM D . -7.85 1.88 -6.53
C18 A1INM D . -9.32 2.31 -6.59
C19 A1INM D . -10.15 1.35 -7.47
C20 A1INM D . -9.57 1.29 -8.88
C21 A1INM D . -8.07 0.92 -8.89
N4 A1INM D . -7.27 1.69 -7.87
C22 A1INM D . -5.96 1.96 -8.05
O6 A1INM D . -5.26 2.40 -7.11
C23 A1INM D . -5.28 1.60 -9.36
C24 A1INM D . -4.08 2.55 -9.58
C25 A1INM D . -4.51 4.00 -9.82
C26 A1INM D . -3.29 4.91 -9.95
C27 A1INM D . -2.35 4.52 -11.05
C28 A1INM D . -2.01 3.03 -10.98
C29 A1INM D . -3.22 2.15 -10.78
H17 A1INM D . -8.70 -1.98 -4.96
H16 A1INM D . -7.81 -3.26 -5.09
H5 A1INM D . -5.56 -0.26 -11.23
H13 A1INM D . -6.17 -4.34 -6.76
H7 A1INM D . -5.71 -3.10 -13.37
H8 A1INM D . -5.27 -1.59 -13.16
H6 A1INM D . -6.53 -2.17 -12.39
H9 A1INM D . -3.94 -4.26 -7.84
H10 A1INM D . -3.05 -5.36 -8.58
H12 A1INM D . -4.99 -5.56 -10.11
H11 A1INM D . -5.09 -6.29 -8.69
H15 A1INM D . -8.85 -1.84 -7.31
H14 A1INM D . -9.44 -3.20 -6.78
H4 A1INM D . -3.90 0.17 -7.59
H2 A1INM D . -2.16 -2.09 -5.61
H3 A1INM D . -3.52 -1.31 -5.84
H1 A1INM D . -2.17 -0.74 -6.45
H19 A1INM D . -6.55 -1.32 -4.61
H18 A1INM D . -6.06 -2.03 -5.93
H20 A1INM D . -7.33 2.61 -6.10
H22 A1INM D . -9.70 2.33 -5.68
H21 A1INM D . -9.38 3.23 -6.97
H23 A1INM D . -11.08 1.67 -7.51
H24 A1INM D . -10.15 0.46 -7.07
H25 A1INM D . -9.69 2.16 -9.32
H26 A1INM D . -10.06 0.63 -9.40
H27 A1INM D . -7.70 1.09 -9.78
H28 A1INM D . -7.98 -0.04 -8.70
H29 A1INM D . -5.93 1.74 -10.11
H30 A1INM D . -3.51 2.53 -8.76
H32 A1INM D . -5.04 4.05 -10.64
H31 A1INM D . -5.07 4.30 -9.07
H33 A1INM D . -2.81 4.92 -9.09
H34 A1INM D . -3.60 5.83 -10.12
H35 A1INM D . -1.51 5.04 -10.98
H36 A1INM D . -2.75 4.72 -11.92
H37 A1INM D . -1.37 2.89 -10.25
H38 A1INM D . -1.57 2.78 -11.82
H40 A1INM D . -3.76 2.18 -11.58
H39 A1INM D . -2.91 1.24 -10.66
#